data_5X86
#
_entry.id   5X86
#
_cell.length_a   46.901
_cell.length_b   47.435
_cell.length_c   152.062
_cell.angle_alpha   90.00
_cell.angle_beta   90.00
_cell.angle_gamma   90.00
#
_symmetry.space_group_name_H-M   'P 21 21 21'
#
loop_
_entity.id
_entity.type
_entity.pdbx_description
1 polymer 'Thymidylate kinase'
2 non-polymer 'CHLORIDE ION'
3 non-polymer 'MAGNESIUM ION'
4 non-polymer "THYMIDINE-5'-PHOSPHATE"
5 water water
#
_entity_poly.entity_id   1
_entity_poly.type   'polypeptide(L)'
_entity_poly.pdbx_seq_one_letter_code
;MPGLFLTLEGLDGSGKTTQARRLAAFLEAQGRPVLLTREPGGGLPEVRSLLLTQELSPEAEYLLFSADRAEHVRKVILPG
LAAGKVVISDRYLDSSLAYQGYGRGLPLPWLREVAREATRGLKPRLTFLLDLPPEAALRRVRRPDRLEGLGLEFFRRVRE
GYLALARAEPGRFVVLDATLPEEEIARAIQAHLRPLLP
;
_entity_poly.pdbx_strand_id   B,A
#
# COMPACT_ATOMS: atom_id res chain seq x y z
N PRO A 2 5.20 -20.95 -20.15
CA PRO A 2 6.41 -20.16 -19.96
C PRO A 2 6.15 -18.65 -19.92
N GLY A 3 5.78 -18.10 -21.07
CA GLY A 3 5.66 -16.66 -21.26
C GLY A 3 6.98 -15.94 -21.18
N LEU A 4 6.91 -14.65 -21.47
CA LEU A 4 8.05 -13.76 -21.42
C LEU A 4 7.54 -12.45 -20.92
N PHE A 5 8.15 -11.91 -19.87
CA PHE A 5 7.70 -10.65 -19.26
C PHE A 5 8.68 -9.53 -19.59
N LEU A 6 8.18 -8.49 -20.25
CA LEU A 6 9.01 -7.35 -20.68
C LEU A 6 8.37 -6.08 -20.13
N THR A 7 9.19 -5.09 -19.76
CA THR A 7 8.64 -3.80 -19.33
C THR A 7 9.29 -2.66 -20.08
N LEU A 8 8.57 -1.54 -20.11
CA LEU A 8 9.08 -0.28 -20.62
C LEU A 8 8.97 0.76 -19.51
N GLU A 9 10.03 1.58 -19.41
CA GLU A 9 10.17 2.56 -18.36
C GLU A 9 10.68 3.86 -18.92
N GLY A 10 10.46 4.94 -18.17
CA GLY A 10 10.94 6.27 -18.55
C GLY A 10 10.00 7.33 -18.03
N LEU A 11 10.43 8.58 -18.21
CA LEU A 11 9.57 9.68 -17.91
C LEU A 11 8.29 9.63 -18.76
N ASP A 12 7.20 10.22 -18.26
CA ASP A 12 6.05 10.41 -19.16
CA ASP A 12 6.02 10.50 -19.11
C ASP A 12 6.48 11.26 -20.36
N GLY A 13 6.05 10.83 -21.53
CA GLY A 13 6.47 11.45 -22.75
C GLY A 13 7.79 11.02 -23.30
N SER A 14 8.30 9.90 -22.81
CA SER A 14 9.53 9.36 -23.31
C SER A 14 9.34 8.40 -24.47
N GLY A 15 8.09 8.16 -24.86
CA GLY A 15 7.74 7.28 -25.97
C GLY A 15 7.48 5.85 -25.55
N LYS A 16 7.58 5.57 -24.23
CA LYS A 16 7.62 4.17 -23.84
CA LYS A 16 7.41 4.23 -23.61
C LYS A 16 6.23 3.60 -24.18
N THR A 17 5.20 4.40 -24.16
CA THR A 17 3.89 4.04 -24.56
C THR A 17 3.73 3.68 -26.11
N THR A 18 4.24 4.55 -26.98
CA THR A 18 4.36 4.25 -28.43
C THR A 18 5.18 2.97 -28.70
N GLN A 19 6.29 2.86 -27.98
CA GLN A 19 7.16 1.67 -28.19
C GLN A 19 6.52 0.38 -27.70
N ALA A 20 5.68 0.46 -26.66
CA ALA A 20 5.01 -0.73 -26.22
C ALA A 20 4.07 -1.21 -27.33
N ARG A 21 3.39 -0.27 -27.96
CA ARG A 21 2.48 -0.59 -29.07
C ARG A 21 3.23 -1.16 -30.28
N ARG A 22 4.34 -0.52 -30.67
CA ARG A 22 5.14 -1.03 -31.77
C ARG A 22 5.70 -2.43 -31.47
N LEU A 23 6.06 -2.69 -30.21
CA LEU A 23 6.63 -3.99 -29.86
C LEU A 23 5.55 -5.07 -29.93
N ALA A 24 4.37 -4.77 -29.43
CA ALA A 24 3.29 -5.74 -29.52
C ALA A 24 2.94 -6.01 -30.99
N ALA A 25 2.93 -4.98 -31.82
CA ALA A 25 2.69 -5.18 -33.26
C ALA A 25 3.74 -6.08 -33.95
N PHE A 26 5.01 -5.88 -33.59
CA PHE A 26 6.08 -6.73 -34.07
C PHE A 26 5.82 -8.19 -33.71
N LEU A 27 5.50 -8.41 -32.46
CA LEU A 27 5.24 -9.76 -31.99
C LEU A 27 3.99 -10.37 -32.65
N GLU A 28 2.97 -9.55 -32.86
CA GLU A 28 1.79 -10.03 -33.57
C GLU A 28 2.13 -10.45 -35.01
N ALA A 29 3.01 -9.71 -35.66
CA ALA A 29 3.45 -10.06 -37.03
C ALA A 29 4.22 -11.38 -37.06
N GLN A 30 4.89 -11.74 -35.96
CA GLN A 30 5.61 -13.02 -35.85
C GLN A 30 4.71 -14.13 -35.35
N GLY A 31 3.42 -13.84 -35.13
CA GLY A 31 2.46 -14.82 -34.68
C GLY A 31 2.57 -15.19 -33.23
N ARG A 32 3.21 -14.33 -32.44
CA ARG A 32 3.47 -14.59 -31.05
C ARG A 32 2.36 -13.98 -30.22
N PRO A 33 1.66 -14.80 -29.41
CA PRO A 33 0.63 -14.22 -28.52
C PRO A 33 1.23 -13.20 -27.55
N VAL A 34 0.54 -12.06 -27.42
CA VAL A 34 1.02 -10.89 -26.67
C VAL A 34 -0.11 -10.22 -25.93
N LEU A 35 0.22 -9.72 -24.75
CA LEU A 35 -0.67 -8.96 -23.92
C LEU A 35 0.01 -7.69 -23.55
N LEU A 36 -0.63 -6.59 -23.89
CA LEU A 36 -0.14 -5.31 -23.50
CA LEU A 36 -0.18 -5.23 -23.51
C LEU A 36 -0.91 -4.77 -22.30
N THR A 37 -0.20 -4.27 -21.29
CA THR A 37 -0.82 -3.76 -20.07
C THR A 37 -0.02 -2.56 -19.55
N ARG A 38 -0.42 -2.00 -18.43
CA ARG A 38 0.20 -0.77 -17.95
C ARG A 38 -0.09 -0.55 -16.47
N GLU A 39 0.78 0.25 -15.86
CA GLU A 39 0.58 0.75 -14.51
C GLU A 39 0.71 2.26 -14.53
N PRO A 40 -0.01 2.98 -13.68
CA PRO A 40 -1.02 2.47 -12.79
C PRO A 40 -2.34 2.15 -13.48
N GLY A 41 -3.15 1.35 -12.81
CA GLY A 41 -4.49 1.05 -13.21
C GLY A 41 -4.71 -0.35 -13.78
N GLY A 42 -3.66 -1.08 -14.12
CA GLY A 42 -3.82 -2.44 -14.64
C GLY A 42 -4.40 -3.39 -13.60
N GLY A 43 -4.18 -3.08 -12.34
CA GLY A 43 -4.75 -3.85 -11.23
C GLY A 43 -6.03 -3.31 -10.66
N LEU A 44 -5.94 -2.06 -10.21
CA LEU A 44 -7.06 -1.32 -9.61
C LEU A 44 -7.24 -0.01 -10.36
N PRO A 45 -8.12 0.00 -11.36
CA PRO A 45 -8.38 1.28 -12.05
C PRO A 45 -8.67 2.46 -11.12
N GLU A 46 -9.37 2.18 -10.03
CA GLU A 46 -9.74 3.20 -9.10
C GLU A 46 -8.54 3.88 -8.43
N VAL A 47 -7.42 3.15 -8.27
CA VAL A 47 -6.24 3.76 -7.75
C VAL A 47 -5.72 4.83 -8.72
N ARG A 48 -5.72 4.52 -10.01
CA ARG A 48 -5.25 5.47 -11.02
C ARG A 48 -6.08 6.74 -10.98
N SER A 49 -7.40 6.60 -10.95
CA SER A 49 -8.27 7.76 -10.96
C SER A 49 -8.12 8.57 -9.66
N LEU A 50 -7.94 7.90 -8.51
CA LEU A 50 -7.70 8.62 -7.24
C LEU A 50 -6.41 9.42 -7.27
N LEU A 51 -5.33 8.81 -7.74
CA LEU A 51 -4.04 9.47 -7.76
C LEU A 51 -3.98 10.58 -8.79
N LEU A 52 -4.85 10.53 -9.80
CA LEU A 52 -4.94 11.58 -10.82
C LEU A 52 -5.32 12.90 -10.13
N THR A 53 -6.24 12.83 -9.16
CA THR A 53 -6.81 14.05 -8.61
C THR A 53 -6.41 14.37 -7.19
N GLN A 54 -5.67 13.48 -6.54
CA GLN A 54 -5.17 13.78 -5.23
C GLN A 54 -3.74 13.45 -5.04
N GLU A 55 -3.12 14.21 -4.17
CA GLU A 55 -1.76 14.03 -3.80
C GLU A 55 -1.67 13.72 -2.29
N LEU A 56 -0.87 12.74 -1.99
CA LEU A 56 -0.71 12.17 -0.69
C LEU A 56 0.75 12.24 -0.28
N SER A 57 1.04 11.80 0.95
CA SER A 57 2.44 11.56 1.34
C SER A 57 3.04 10.55 0.36
N PRO A 58 4.38 10.59 0.18
CA PRO A 58 4.95 9.62 -0.76
C PRO A 58 4.76 8.18 -0.30
N GLU A 59 4.74 7.95 1.03
CA GLU A 59 4.52 6.61 1.56
C GLU A 59 3.14 6.10 1.16
N ALA A 60 2.12 6.92 1.37
CA ALA A 60 0.79 6.51 0.97
C ALA A 60 0.66 6.31 -0.51
N GLU A 61 1.27 7.21 -1.29
CA GLU A 61 1.30 7.13 -2.74
CA GLU A 61 1.17 7.00 -2.73
C GLU A 61 1.86 5.74 -3.16
N TYR A 62 3.06 5.45 -2.62
CA TYR A 62 3.71 4.18 -2.96
C TYR A 62 2.84 2.98 -2.60
N LEU A 63 2.20 3.05 -1.43
CA LEU A 63 1.39 1.93 -1.01
C LEU A 63 0.17 1.70 -1.90
N LEU A 64 -0.40 2.79 -2.44
CA LEU A 64 -1.45 2.68 -3.42
C LEU A 64 -0.93 2.11 -4.76
N PHE A 65 0.22 2.60 -5.24
CA PHE A 65 0.79 2.01 -6.43
C PHE A 65 1.05 0.52 -6.23
N SER A 66 1.46 0.16 -5.00
CA SER A 66 1.77 -1.24 -4.67
C SER A 66 0.53 -2.11 -4.61
N ALA A 67 -0.57 -1.58 -4.08
CA ALA A 67 -1.86 -2.31 -4.09
C ALA A 67 -2.31 -2.59 -5.50
N ASP A 68 -2.23 -1.57 -6.36
CA ASP A 68 -2.53 -1.73 -7.77
C ASP A 68 -1.65 -2.80 -8.37
N ARG A 69 -0.34 -2.70 -8.11
CA ARG A 69 0.63 -3.67 -8.66
C ARG A 69 0.32 -5.09 -8.22
N ALA A 70 -0.02 -5.25 -6.94
CA ALA A 70 -0.35 -6.59 -6.42
C ALA A 70 -1.53 -7.22 -7.18
N GLU A 71 -2.54 -6.43 -7.46
CA GLU A 71 -3.67 -6.91 -8.24
C GLU A 71 -3.27 -7.15 -9.71
N HIS A 72 -2.47 -6.24 -10.22
CA HIS A 72 -2.02 -6.31 -11.61
C HIS A 72 -1.25 -7.61 -11.88
N VAL A 73 -0.29 -7.91 -11.00
CA VAL A 73 0.50 -9.11 -11.13
C VAL A 73 -0.39 -10.35 -11.08
N ARG A 74 -1.29 -10.40 -10.10
CA ARG A 74 -2.06 -11.60 -9.90
C ARG A 74 -3.16 -11.82 -10.90
N LYS A 75 -3.83 -10.74 -11.29
CA LYS A 75 -5.02 -10.91 -12.13
C LYS A 75 -4.74 -10.77 -13.63
N VAL A 76 -3.66 -10.10 -13.98
CA VAL A 76 -3.35 -9.78 -15.36
C VAL A 76 -2.05 -10.42 -15.83
N ILE A 77 -0.93 -10.11 -15.18
CA ILE A 77 0.36 -10.49 -15.71
C ILE A 77 0.61 -11.99 -15.58
N LEU A 78 0.50 -12.52 -14.35
CA LEU A 78 0.78 -13.95 -14.16
C LEU A 78 -0.14 -14.83 -15.00
N PRO A 79 -1.44 -14.50 -15.09
CA PRO A 79 -2.28 -15.33 -15.96
C PRO A 79 -1.90 -15.25 -17.44
N GLY A 80 -1.43 -14.10 -17.88
CA GLY A 80 -0.98 -13.97 -19.27
C GLY A 80 0.28 -14.78 -19.53
N LEU A 81 1.20 -14.72 -18.58
CA LEU A 81 2.43 -15.51 -18.71
C LEU A 81 2.12 -17.00 -18.68
N ALA A 82 1.17 -17.41 -17.83
CA ALA A 82 0.79 -18.80 -17.69
C ALA A 82 0.24 -19.38 -18.96
N ALA A 83 -0.43 -18.52 -19.74
CA ALA A 83 -0.96 -18.91 -21.04
C ALA A 83 0.10 -18.88 -22.14
N GLY A 84 1.32 -18.50 -21.82
CA GLY A 84 2.42 -18.51 -22.78
C GLY A 84 2.58 -17.22 -23.58
N LYS A 85 1.88 -16.19 -23.13
CA LYS A 85 1.98 -14.90 -23.80
C LYS A 85 3.24 -14.17 -23.45
N VAL A 86 3.66 -13.32 -24.38
CA VAL A 86 4.58 -12.25 -24.04
C VAL A 86 3.74 -11.15 -23.44
N VAL A 87 4.04 -10.82 -22.19
CA VAL A 87 3.33 -9.78 -21.51
C VAL A 87 4.26 -8.56 -21.43
N ILE A 88 3.76 -7.44 -21.93
CA ILE A 88 4.49 -6.18 -21.96
C ILE A 88 3.76 -5.20 -21.07
N SER A 89 4.42 -4.73 -20.01
CA SER A 89 3.86 -3.69 -19.19
C SER A 89 4.57 -2.35 -19.40
N ASP A 90 3.75 -1.35 -19.68
CA ASP A 90 4.16 0.06 -19.72
C ASP A 90 4.13 0.50 -18.26
N ARG A 91 5.33 0.52 -17.66
CA ARG A 91 5.62 0.74 -16.22
C ARG A 91 5.42 -0.51 -15.38
N TYR A 92 6.32 -0.64 -14.42
CA TYR A 92 6.28 -1.69 -13.41
C TYR A 92 6.99 -1.18 -12.18
N LEU A 93 7.58 -2.06 -11.37
CA LEU A 93 8.16 -1.68 -10.09
C LEU A 93 9.21 -0.59 -10.22
N ASP A 94 10.02 -0.63 -11.27
CA ASP A 94 11.07 0.38 -11.46
C ASP A 94 10.46 1.80 -11.46
N SER A 95 9.22 1.96 -11.92
CA SER A 95 8.59 3.29 -11.83
C SER A 95 8.48 3.76 -10.39
N SER A 96 8.07 2.86 -9.48
CA SER A 96 8.00 3.30 -8.09
C SER A 96 9.39 3.63 -7.57
N LEU A 97 10.37 2.81 -7.92
CA LEU A 97 11.73 3.06 -7.41
C LEU A 97 12.22 4.43 -7.89
N ALA A 98 11.96 4.77 -9.16
CA ALA A 98 12.43 6.02 -9.73
C ALA A 98 11.66 7.22 -9.19
N TYR A 99 10.32 7.12 -9.18
CA TYR A 99 9.49 8.25 -8.75
C TYR A 99 9.40 8.39 -7.24
N GLN A 100 8.96 7.33 -6.55
CA GLN A 100 8.81 7.39 -5.10
C GLN A 100 10.15 7.29 -4.39
N GLY A 101 11.09 6.53 -4.93
CA GLY A 101 12.42 6.37 -4.31
C GLY A 101 13.35 7.53 -4.62
N TYR A 102 13.87 7.55 -5.83
CA TYR A 102 14.81 8.61 -6.19
C TYR A 102 14.15 9.98 -6.23
N GLY A 103 12.93 10.05 -6.72
CA GLY A 103 12.26 11.34 -6.85
C GLY A 103 11.81 11.88 -5.49
N ARG A 104 11.02 11.11 -4.73
CA ARG A 104 10.46 11.60 -3.47
CA ARG A 104 10.45 11.61 -3.47
C ARG A 104 11.25 11.25 -2.24
N GLY A 105 12.30 10.43 -2.39
CA GLY A 105 13.23 10.14 -1.30
C GLY A 105 12.92 8.99 -0.41
N LEU A 106 12.00 8.12 -0.78
CA LEU A 106 11.72 6.96 0.06
C LEU A 106 12.87 5.98 -0.04
N PRO A 107 13.12 5.24 1.06
CA PRO A 107 14.28 4.34 1.05
C PRO A 107 14.07 3.12 0.16
N LEU A 108 14.98 2.86 -0.76
CA LEU A 108 14.84 1.76 -1.68
C LEU A 108 14.73 0.39 -1.05
N PRO A 109 15.51 0.08 0.00
CA PRO A 109 15.35 -1.26 0.54
C PRO A 109 13.93 -1.52 1.04
N TRP A 110 13.34 -0.53 1.69
CA TRP A 110 11.96 -0.67 2.14
C TRP A 110 11.01 -0.81 0.95
N LEU A 111 11.19 0.00 -0.08
CA LEU A 111 10.36 -0.14 -1.27
C LEU A 111 10.44 -1.56 -1.78
N ARG A 112 11.65 -2.09 -1.83
CA ARG A 112 11.82 -3.44 -2.37
C ARG A 112 11.24 -4.52 -1.45
N GLU A 113 11.31 -4.33 -0.13
CA GLU A 113 10.66 -5.28 0.76
C GLU A 113 9.16 -5.28 0.65
N VAL A 114 8.55 -4.10 0.53
CA VAL A 114 7.13 -4.03 0.28
C VAL A 114 6.79 -4.78 -1.01
N ALA A 115 7.58 -4.50 -2.05
CA ALA A 115 7.31 -5.07 -3.33
C ALA A 115 7.43 -6.56 -3.41
N ARG A 116 8.32 -7.14 -2.59
CA ARG A 116 8.63 -8.55 -2.70
CA ARG A 116 8.64 -8.56 -2.71
C ARG A 116 7.34 -9.40 -2.64
N GLU A 117 6.43 -9.06 -1.72
CA GLU A 117 5.10 -9.76 -1.65
C GLU A 117 3.97 -9.36 -2.67
N ALA A 118 4.11 -8.03 -2.93
CA ALA A 118 3.20 -7.42 -3.87
C ALA A 118 3.37 -8.05 -5.24
N THR A 119 4.63 -8.25 -5.64
CA THR A 119 4.94 -8.81 -6.94
C THR A 119 5.07 -10.30 -7.00
N ARG A 120 5.00 -10.98 -5.85
CA ARG A 120 5.41 -12.39 -5.73
C ARG A 120 6.79 -12.64 -6.33
N GLY A 121 7.63 -11.63 -6.29
CA GLY A 121 8.97 -11.71 -6.82
C GLY A 121 9.10 -11.70 -8.35
N LEU A 122 8.00 -11.42 -9.06
CA LEU A 122 8.05 -11.41 -10.51
C LEU A 122 8.88 -10.24 -11.03
N LYS A 123 9.88 -10.56 -11.84
CA LYS A 123 10.76 -9.57 -12.41
C LYS A 123 10.73 -9.70 -13.92
N PRO A 124 10.77 -8.57 -14.68
CA PRO A 124 10.89 -8.68 -16.11
C PRO A 124 12.20 -9.26 -16.56
N ARG A 125 12.18 -9.97 -17.68
CA ARG A 125 13.41 -10.48 -18.26
C ARG A 125 14.25 -9.36 -18.86
N LEU A 126 13.58 -8.40 -19.47
CA LEU A 126 14.22 -7.19 -20.04
C LEU A 126 13.32 -6.01 -19.78
N THR A 127 13.96 -4.86 -19.52
CA THR A 127 13.29 -3.60 -19.30
C THR A 127 13.94 -2.59 -20.24
N PHE A 128 13.12 -1.96 -21.07
CA PHE A 128 13.60 -0.95 -22.00
C PHE A 128 13.37 0.40 -21.36
N LEU A 129 14.46 1.11 -21.08
CA LEU A 129 14.39 2.45 -20.52
C LEU A 129 14.54 3.44 -21.63
N LEU A 130 13.52 4.27 -21.81
CA LEU A 130 13.48 5.33 -22.83
CA LEU A 130 13.50 5.32 -22.84
C LEU A 130 14.02 6.56 -22.14
N ASP A 131 15.32 6.85 -22.33
CA ASP A 131 15.99 7.91 -21.58
C ASP A 131 16.00 9.22 -22.35
N LEU A 132 15.62 10.32 -21.69
CA LEU A 132 15.74 11.67 -22.25
C LEU A 132 15.69 12.66 -21.11
N PRO A 133 16.18 13.89 -21.35
CA PRO A 133 15.97 14.93 -20.36
C PRO A 133 14.51 15.30 -20.20
N PRO A 134 14.09 15.78 -19.02
CA PRO A 134 12.70 16.15 -18.87
C PRO A 134 12.19 17.20 -19.90
N GLU A 135 13.08 18.11 -20.29
CA GLU A 135 12.77 19.16 -21.27
C GLU A 135 12.52 18.62 -22.63
N ALA A 136 12.87 17.38 -22.90
CA ALA A 136 12.71 16.75 -24.19
C ALA A 136 11.49 15.87 -24.25
N ALA A 137 10.84 15.63 -23.11
CA ALA A 137 9.69 14.75 -23.06
C ALA A 137 8.54 15.32 -23.83
N LEU A 138 7.86 14.45 -24.58
CA LEU A 138 7.08 15.01 -25.69
C LEU A 138 5.73 15.33 -25.13
N ARG A 139 5.45 14.59 -24.04
CA ARG A 139 4.48 14.91 -22.97
C ARG A 139 5.13 14.58 -21.61
N GLY A 149 13.56 26.96 -13.73
CA GLY A 149 12.48 25.97 -13.67
C GLY A 149 12.62 25.00 -12.50
N LEU A 150 12.17 25.42 -11.31
CA LEU A 150 12.37 24.63 -10.08
C LEU A 150 11.66 23.28 -10.13
N GLY A 151 10.51 23.25 -10.83
CA GLY A 151 9.71 22.05 -10.98
C GLY A 151 10.45 20.93 -11.72
N LEU A 152 11.44 21.31 -12.55
CA LEU A 152 12.25 20.31 -13.28
C LEU A 152 13.15 19.48 -12.34
N GLU A 153 13.46 19.96 -11.12
CA GLU A 153 14.37 19.24 -10.23
C GLU A 153 13.86 17.84 -9.92
N PHE A 154 12.59 17.72 -9.56
CA PHE A 154 12.01 16.39 -9.31
C PHE A 154 12.22 15.49 -10.52
N PHE A 155 11.90 15.98 -11.72
CA PHE A 155 11.99 15.12 -12.90
C PHE A 155 13.41 14.71 -13.20
N ARG A 156 14.37 15.61 -12.95
CA ARG A 156 15.76 15.21 -13.12
C ARG A 156 16.16 14.12 -12.11
N ARG A 157 15.66 14.20 -10.88
CA ARG A 157 15.91 13.11 -9.92
C ARG A 157 15.37 11.78 -10.42
N VAL A 158 14.18 11.82 -11.01
CA VAL A 158 13.58 10.60 -11.54
C VAL A 158 14.41 10.08 -12.72
N ARG A 159 14.77 10.98 -13.64
CA ARG A 159 15.55 10.59 -14.81
C ARG A 159 16.86 9.94 -14.37
N GLU A 160 17.59 10.62 -13.49
CA GLU A 160 18.83 10.09 -13.00
C GLU A 160 18.64 8.81 -12.20
N GLY A 161 17.53 8.72 -11.48
CA GLY A 161 17.24 7.48 -10.74
C GLY A 161 17.09 6.30 -11.67
N TYR A 162 16.34 6.50 -12.76
CA TYR A 162 16.26 5.43 -13.76
C TYR A 162 17.63 5.01 -14.29
N LEU A 163 18.46 5.99 -14.59
CA LEU A 163 19.82 5.65 -15.07
C LEU A 163 20.62 4.89 -14.03
N ALA A 164 20.45 5.25 -12.76
CA ALA A 164 21.10 4.54 -11.68
C ALA A 164 20.60 3.10 -11.59
N LEU A 165 19.29 2.91 -11.69
CA LEU A 165 18.74 1.55 -11.71
C LEU A 165 19.33 0.74 -12.85
N ALA A 166 19.43 1.36 -14.01
CA ALA A 166 19.93 0.68 -15.19
C ALA A 166 21.38 0.26 -15.05
N ARG A 167 22.20 1.13 -14.50
CA ARG A 167 23.62 0.76 -14.41
C ARG A 167 23.85 -0.26 -13.30
N ALA A 168 22.91 -0.43 -12.36
CA ALA A 168 23.02 -1.47 -11.36
C ALA A 168 22.62 -2.86 -11.88
N GLU A 169 21.79 -2.88 -12.92
CA GLU A 169 21.30 -4.13 -13.50
C GLU A 169 21.43 -4.12 -15.02
N PRO A 170 22.69 -4.13 -15.49
CA PRO A 170 22.90 -4.02 -16.93
C PRO A 170 22.49 -5.26 -17.73
N GLY A 171 22.22 -6.37 -17.06
CA GLY A 171 21.69 -7.53 -17.74
C GLY A 171 20.20 -7.56 -17.92
N ARG A 172 19.50 -6.67 -17.23
CA ARG A 172 18.06 -6.52 -17.37
C ARG A 172 17.66 -5.28 -18.17
N PHE A 173 18.31 -4.15 -17.92
CA PHE A 173 17.97 -2.93 -18.61
C PHE A 173 18.65 -2.81 -19.96
N VAL A 174 17.90 -2.23 -20.90
CA VAL A 174 18.44 -1.76 -22.15
C VAL A 174 18.07 -0.28 -22.18
N VAL A 175 19.05 0.60 -22.26
CA VAL A 175 18.80 2.02 -22.25
C VAL A 175 18.88 2.53 -23.69
N LEU A 176 17.82 3.24 -24.11
CA LEU A 176 17.69 3.78 -25.46
C LEU A 176 17.58 5.27 -25.38
N ASP A 177 18.17 5.95 -26.39
CA ASP A 177 18.08 7.36 -26.68
CA ASP A 177 18.01 7.40 -26.44
C ASP A 177 16.64 7.66 -27.10
N ALA A 178 15.78 8.11 -26.20
CA ALA A 178 14.35 8.32 -26.54
C ALA A 178 14.12 9.49 -27.48
N THR A 179 15.16 10.30 -27.75
CA THR A 179 15.01 11.43 -28.66
C THR A 179 15.15 10.97 -30.12
N LEU A 180 15.59 9.74 -30.38
CA LEU A 180 15.77 9.18 -31.74
CA LEU A 180 15.76 9.22 -31.74
C LEU A 180 14.42 9.03 -32.41
N PRO A 181 14.42 8.89 -33.74
CA PRO A 181 13.13 8.63 -34.36
C PRO A 181 12.48 7.31 -33.92
N GLU A 182 11.16 7.35 -33.85
CA GLU A 182 10.39 6.27 -33.33
C GLU A 182 10.70 4.91 -33.96
N GLU A 183 10.86 4.88 -35.28
CA GLU A 183 11.08 3.61 -35.98
C GLU A 183 12.45 3.05 -35.65
N GLU A 184 13.40 3.95 -35.45
CA GLU A 184 14.76 3.51 -35.10
C GLU A 184 14.81 2.92 -33.71
N ILE A 185 14.11 3.55 -32.77
CA ILE A 185 14.03 3.00 -31.42
C ILE A 185 13.38 1.60 -31.50
N ALA A 186 12.30 1.46 -32.25
CA ALA A 186 11.61 0.18 -32.35
C ALA A 186 12.52 -0.92 -32.90
N ARG A 187 13.30 -0.58 -33.92
CA ARG A 187 14.24 -1.54 -34.47
C ARG A 187 15.29 -1.95 -33.45
N ALA A 188 15.78 -1.01 -32.65
CA ALA A 188 16.76 -1.34 -31.60
C ALA A 188 16.14 -2.27 -30.57
N ILE A 189 14.91 -2.01 -30.15
CA ILE A 189 14.20 -2.91 -29.21
C ILE A 189 14.08 -4.32 -29.79
N GLN A 190 13.69 -4.39 -31.06
CA GLN A 190 13.58 -5.67 -31.72
C GLN A 190 14.88 -6.42 -31.74
N ALA A 191 15.98 -5.71 -32.00
CA ALA A 191 17.29 -6.38 -32.09
C ALA A 191 17.67 -6.97 -30.74
N HIS A 192 17.35 -6.26 -29.67
CA HIS A 192 17.67 -6.72 -28.32
C HIS A 192 16.81 -7.89 -27.94
N LEU A 193 15.59 -7.92 -28.45
CA LEU A 193 14.66 -8.97 -28.08
C LEU A 193 14.85 -10.27 -28.84
N ARG A 194 15.26 -10.20 -30.10
CA ARG A 194 15.27 -11.40 -30.93
C ARG A 194 16.02 -12.61 -30.36
N PRO A 195 17.16 -12.40 -29.68
CA PRO A 195 17.77 -13.59 -29.05
C PRO A 195 16.88 -14.31 -28.02
N LEU A 196 15.92 -13.60 -27.41
CA LEU A 196 15.11 -14.17 -26.31
C LEU A 196 13.78 -14.83 -26.74
N LEU A 197 13.49 -14.89 -28.04
CA LEU A 197 12.21 -15.40 -28.49
C LEU A 197 12.27 -16.86 -28.89
N PRO B 2 4.76 14.93 23.49
CA PRO B 2 3.61 14.99 24.39
C PRO B 2 2.40 14.28 23.79
N GLY B 3 1.23 14.52 24.36
CA GLY B 3 0.04 13.81 23.91
C GLY B 3 0.02 12.37 24.41
N LEU B 4 -1.09 11.68 24.18
CA LEU B 4 -1.27 10.28 24.56
C LEU B 4 -2.02 9.60 23.46
N PHE B 5 -1.47 8.48 22.96
CA PHE B 5 -2.08 7.74 21.85
C PHE B 5 -2.72 6.46 22.39
N LEU B 6 -4.03 6.34 22.15
CA LEU B 6 -4.79 5.18 22.63
C LEU B 6 -5.50 4.57 21.45
N THR B 7 -5.63 3.25 21.40
CA THR B 7 -6.43 2.62 20.38
C THR B 7 -7.43 1.63 20.97
N LEU B 8 -8.46 1.36 20.18
CA LEU B 8 -9.46 0.34 20.45
C LEU B 8 -9.48 -0.66 19.34
N GLU B 9 -9.60 -1.94 19.71
CA GLU B 9 -9.54 -3.06 18.77
C GLU B 9 -10.63 -4.06 19.09
N GLY B 10 -10.92 -4.93 18.13
CA GLY B 10 -11.84 -6.02 18.29
C GLY B 10 -12.56 -6.34 17.03
N LEU B 11 -13.30 -7.44 17.03
CA LEU B 11 -14.11 -7.78 15.88
C LEU B 11 -15.21 -6.73 15.66
N ASP B 12 -15.69 -6.75 14.43
N ASP B 12 -15.71 -6.59 14.44
CA ASP B 12 -16.95 -6.13 14.03
CA ASP B 12 -16.88 -5.72 14.29
C ASP B 12 -18.08 -6.46 15.07
C ASP B 12 -18.01 -6.35 15.06
N GLY B 13 -18.72 -5.48 15.74
CA GLY B 13 -19.81 -5.83 16.64
C GLY B 13 -19.36 -6.04 18.07
N SER B 14 -18.08 -5.84 18.34
CA SER B 14 -17.52 -6.07 19.68
C SER B 14 -17.78 -4.93 20.65
N GLY B 15 -18.27 -3.77 20.16
CA GLY B 15 -18.46 -2.62 20.99
C GLY B 15 -17.29 -1.68 21.03
N LYS B 16 -16.25 -1.99 20.27
CA LYS B 16 -15.09 -1.12 20.39
CA LYS B 16 -15.06 -1.19 20.16
C LYS B 16 -15.40 0.28 19.83
N THR B 17 -16.29 0.45 18.86
CA THR B 17 -16.70 1.80 18.42
C THR B 17 -17.43 2.58 19.52
N THR B 18 -18.40 1.92 20.12
CA THR B 18 -19.13 2.50 21.24
C THR B 18 -18.16 2.98 22.34
N GLN B 19 -17.20 2.12 22.68
CA GLN B 19 -16.27 2.46 23.72
C GLN B 19 -15.31 3.58 23.33
N ALA B 20 -14.90 3.63 22.06
CA ALA B 20 -14.02 4.73 21.62
C ALA B 20 -14.71 6.08 21.80
N ARG B 21 -15.98 6.14 21.42
CA ARG B 21 -16.76 7.36 21.51
C ARG B 21 -17.07 7.74 22.94
N ARG B 22 -17.46 6.74 23.74
CA ARG B 22 -17.68 6.97 25.16
CA ARG B 22 -17.68 7.01 25.14
C ARG B 22 -16.41 7.55 25.81
N LEU B 23 -15.25 6.98 25.47
CA LEU B 23 -14.01 7.39 26.08
C LEU B 23 -13.65 8.83 25.67
N ALA B 24 -13.83 9.15 24.40
CA ALA B 24 -13.56 10.50 23.94
C ALA B 24 -14.38 11.51 24.73
N ALA B 25 -15.69 11.22 24.89
CA ALA B 25 -16.55 12.13 25.61
C ALA B 25 -16.14 12.23 27.07
N PHE B 26 -15.83 11.10 27.68
CA PHE B 26 -15.38 11.06 29.06
C PHE B 26 -14.19 11.95 29.32
N LEU B 27 -13.21 11.83 28.45
CA LEU B 27 -11.98 12.62 28.59
C LEU B 27 -12.23 14.08 28.32
N GLU B 28 -13.04 14.38 27.33
CA GLU B 28 -13.38 15.75 27.07
C GLU B 28 -14.11 16.40 28.24
N ALA B 29 -14.96 15.63 28.93
CA ALA B 29 -15.65 16.15 30.11
C ALA B 29 -14.70 16.46 31.25
N GLN B 30 -13.56 15.82 31.28
CA GLN B 30 -12.49 16.18 32.21
C GLN B 30 -11.68 17.41 31.77
N GLY B 31 -12.03 18.03 30.64
CA GLY B 31 -11.29 19.18 30.16
C GLY B 31 -10.09 18.86 29.31
N ARG B 32 -9.95 17.61 28.90
CA ARG B 32 -8.77 17.23 28.11
C ARG B 32 -9.01 17.42 26.66
N PRO B 33 -8.01 17.90 25.93
CA PRO B 33 -8.13 17.99 24.48
C PRO B 33 -8.03 16.59 23.90
N VAL B 34 -9.00 16.22 23.06
CA VAL B 34 -9.09 14.88 22.51
C VAL B 34 -9.30 14.96 21.02
N LEU B 35 -8.71 14.00 20.30
CA LEU B 35 -8.95 13.81 18.88
CA LEU B 35 -8.95 13.80 18.88
C LEU B 35 -9.39 12.36 18.70
N LEU B 36 -10.63 12.17 18.26
CA LEU B 36 -11.16 10.85 17.97
C LEU B 36 -11.10 10.60 16.49
N THR B 37 -10.52 9.48 16.09
CA THR B 37 -10.35 9.12 14.68
C THR B 37 -10.54 7.63 14.51
N ARG B 38 -10.36 7.11 13.30
CA ARG B 38 -10.66 5.73 13.00
C ARG B 38 -9.91 5.27 11.77
N GLU B 39 -9.75 3.95 11.68
CA GLU B 39 -9.33 3.29 10.44
C GLU B 39 -10.32 2.19 10.10
N PRO B 40 -10.56 1.93 8.82
CA PRO B 40 -9.99 2.64 7.69
C PRO B 40 -10.74 3.95 7.43
N GLY B 41 -9.99 4.93 6.91
CA GLY B 41 -10.55 6.13 6.33
C GLY B 41 -10.10 7.40 6.99
N GLY B 42 -9.46 7.32 8.16
CA GLY B 42 -8.91 8.52 8.83
C GLY B 42 -7.81 9.19 8.05
N GLY B 43 -7.11 8.43 7.23
CA GLY B 43 -6.04 8.97 6.39
C GLY B 43 -6.56 9.35 5.01
N LEU B 44 -7.09 8.34 4.32
CA LEU B 44 -7.57 8.45 2.95
CA LEU B 44 -7.58 8.41 2.94
C LEU B 44 -9.03 7.97 2.97
N PRO B 45 -9.99 8.91 3.04
CA PRO B 45 -11.37 8.46 3.14
C PRO B 45 -11.83 7.53 2.01
N GLU B 46 -11.27 7.75 0.82
CA GLU B 46 -11.61 6.93 -0.36
C GLU B 46 -11.13 5.49 -0.31
N VAL B 47 -10.28 5.15 0.66
CA VAL B 47 -9.84 3.78 0.79
C VAL B 47 -11.00 2.80 1.02
N ARG B 48 -12.08 3.25 1.64
CA ARG B 48 -13.19 2.38 1.92
C ARG B 48 -13.82 1.88 0.60
N SER B 49 -13.84 2.73 -0.42
CA SER B 49 -14.29 2.33 -1.74
C SER B 49 -13.38 1.25 -2.33
N LEU B 50 -12.08 1.50 -2.28
CA LEU B 50 -11.10 0.55 -2.84
C LEU B 50 -11.15 -0.81 -2.12
N LEU B 51 -11.41 -0.80 -0.83
CA LEU B 51 -11.41 -2.04 -0.05
C LEU B 51 -12.57 -2.97 -0.38
N LEU B 52 -13.59 -2.43 -1.05
CA LEU B 52 -14.75 -3.22 -1.47
C LEU B 52 -14.54 -3.98 -2.78
N THR B 53 -13.42 -3.74 -3.46
CA THR B 53 -13.18 -4.33 -4.74
C THR B 53 -13.38 -5.85 -4.71
N GLN B 54 -14.17 -6.37 -5.65
CA GLN B 54 -14.38 -7.82 -5.69
C GLN B 54 -13.06 -8.60 -5.92
N GLU B 55 -12.92 -9.69 -5.18
CA GLU B 55 -11.83 -10.64 -5.35
C GLU B 55 -10.45 -10.06 -5.10
N LEU B 56 -10.40 -9.04 -4.25
CA LEU B 56 -9.15 -8.40 -3.92
C LEU B 56 -8.20 -9.37 -3.29
N SER B 57 -6.95 -9.40 -3.72
CA SER B 57 -5.94 -10.24 -3.08
C SER B 57 -5.70 -9.73 -1.68
N PRO B 58 -5.33 -10.65 -0.75
CA PRO B 58 -5.05 -10.16 0.60
C PRO B 58 -3.88 -9.18 0.65
N GLU B 59 -2.88 -9.38 -0.20
CA GLU B 59 -1.75 -8.44 -0.26
C GLU B 59 -2.22 -7.06 -0.65
N ALA B 60 -3.06 -6.98 -1.70
CA ALA B 60 -3.58 -5.66 -2.10
C ALA B 60 -4.43 -5.07 -0.99
N GLU B 61 -5.24 -5.91 -0.36
CA GLU B 61 -6.06 -5.45 0.76
C GLU B 61 -5.21 -4.78 1.86
N TYR B 62 -4.16 -5.48 2.29
CA TYR B 62 -3.28 -4.90 3.29
C TYR B 62 -2.63 -3.61 2.83
N LEU B 63 -2.17 -3.60 1.57
CA LEU B 63 -1.49 -2.41 1.07
C LEU B 63 -2.45 -1.20 1.07
N LEU B 64 -3.73 -1.40 0.79
CA LEU B 64 -4.72 -0.34 0.88
C LEU B 64 -4.88 0.14 2.32
N PHE B 65 -5.04 -0.81 3.28
CA PHE B 65 -5.12 -0.38 4.67
C PHE B 65 -3.88 0.41 5.07
N SER B 66 -2.73 -0.03 4.56
CA SER B 66 -1.45 0.61 4.89
C SER B 66 -1.30 1.99 4.29
N ALA B 67 -1.83 2.22 3.09
CA ALA B 67 -1.79 3.54 2.47
C ALA B 67 -2.60 4.51 3.31
N ASP B 68 -3.80 4.10 3.68
CA ASP B 68 -4.63 4.91 4.58
C ASP B 68 -3.89 5.18 5.89
N ARG B 69 -3.32 4.14 6.48
CA ARG B 69 -2.63 4.29 7.76
C ARG B 69 -1.48 5.28 7.66
N ALA B 70 -0.71 5.21 6.56
CA ALA B 70 0.43 6.12 6.39
C ALA B 70 -0.03 7.56 6.38
N GLU B 71 -1.11 7.85 5.64
CA GLU B 71 -1.63 9.20 5.60
C GLU B 71 -2.22 9.63 6.94
N HIS B 72 -2.87 8.67 7.60
CA HIS B 72 -3.51 8.89 8.90
C HIS B 72 -2.51 9.31 9.97
N VAL B 73 -1.41 8.55 10.05
CA VAL B 73 -0.36 8.82 11.02
C VAL B 73 0.24 10.21 10.77
N ARG B 74 0.57 10.49 9.52
CA ARG B 74 1.26 11.74 9.18
C ARG B 74 0.40 12.97 9.32
N LYS B 75 -0.84 12.89 8.84
CA LYS B 75 -1.66 14.07 8.71
C LYS B 75 -2.60 14.31 9.86
N VAL B 76 -2.90 13.25 10.61
CA VAL B 76 -3.91 13.31 11.65
C VAL B 76 -3.32 13.02 13.05
N ILE B 77 -2.77 11.83 13.21
CA ILE B 77 -2.39 11.37 14.55
C ILE B 77 -1.16 12.08 15.07
N LEU B 78 -0.05 12.09 14.32
CA LEU B 78 1.18 12.75 14.83
C LEU B 78 0.94 14.24 15.10
N PRO B 79 0.22 14.96 14.21
CA PRO B 79 -0.03 16.37 14.54
C PRO B 79 -0.91 16.56 15.77
N GLY B 80 -1.86 15.65 15.99
CA GLY B 80 -2.69 15.72 17.20
C GLY B 80 -1.89 15.51 18.48
N LEU B 81 -1.00 14.50 18.43
CA LEU B 81 -0.17 14.20 19.56
C LEU B 81 0.77 15.38 19.82
N ALA B 82 1.29 16.00 18.76
CA ALA B 82 2.23 17.11 18.90
C ALA B 82 1.60 18.30 19.61
N ALA B 83 0.28 18.45 19.46
CA ALA B 83 -0.47 19.51 20.12
C ALA B 83 -0.89 19.14 21.54
N GLY B 84 -0.49 17.97 22.03
CA GLY B 84 -0.78 17.53 23.39
C GLY B 84 -2.13 16.89 23.55
N LYS B 85 -2.77 16.50 22.44
CA LYS B 85 -4.07 15.84 22.55
C LYS B 85 -3.94 14.40 22.97
N VAL B 86 -5.01 13.90 23.58
CA VAL B 86 -5.22 12.46 23.65
C VAL B 86 -5.84 12.06 22.32
N VAL B 87 -5.13 11.25 21.52
CA VAL B 87 -5.62 10.79 20.24
C VAL B 87 -6.10 9.37 20.43
N ILE B 88 -7.38 9.14 20.11
CA ILE B 88 -8.00 7.84 20.20
C ILE B 88 -8.32 7.36 18.82
N SER B 89 -7.75 6.24 18.39
CA SER B 89 -8.14 5.65 17.11
C SER B 89 -8.94 4.38 17.32
N ASP B 90 -10.12 4.38 16.71
CA ASP B 90 -10.95 3.18 16.57
C ASP B 90 -10.37 2.37 15.42
N ARG B 91 -9.55 1.38 15.79
CA ARG B 91 -8.68 0.57 14.95
C ARG B 91 -7.38 1.27 14.60
N TYR B 92 -6.33 0.44 14.57
CA TYR B 92 -5.00 0.86 14.14
C TYR B 92 -4.31 -0.38 13.59
N LEU B 93 -2.97 -0.41 13.66
CA LEU B 93 -2.18 -1.47 13.03
C LEU B 93 -2.57 -2.89 13.48
N ASP B 94 -2.92 -3.03 14.74
CA ASP B 94 -3.33 -4.35 15.22
C ASP B 94 -4.46 -4.96 14.42
N SER B 95 -5.37 -4.10 13.90
CA SER B 95 -6.42 -4.61 13.04
C SER B 95 -5.85 -5.33 11.81
N SER B 96 -4.84 -4.72 11.19
CA SER B 96 -4.21 -5.42 10.07
C SER B 96 -3.54 -6.72 10.50
N LEU B 97 -2.83 -6.68 11.60
CA LEU B 97 -2.16 -7.88 12.04
C LEU B 97 -3.15 -9.02 12.31
N ALA B 98 -4.29 -8.69 12.91
CA ALA B 98 -5.29 -9.68 13.21
C ALA B 98 -6.04 -10.12 11.96
N TYR B 99 -6.50 -9.17 11.16
CA TYR B 99 -7.35 -9.50 9.99
C TYR B 99 -6.54 -10.00 8.82
N GLN B 100 -5.53 -9.22 8.41
CA GLN B 100 -4.71 -9.60 7.25
C GLN B 100 -3.64 -10.63 7.59
N GLY B 101 -3.17 -10.62 8.82
CA GLY B 101 -2.18 -11.59 9.26
C GLY B 101 -2.82 -12.90 9.69
N TYR B 102 -3.44 -12.93 10.87
CA TYR B 102 -4.04 -14.16 11.35
C TYR B 102 -5.23 -14.58 10.50
N GLY B 103 -6.06 -13.62 10.06
CA GLY B 103 -7.22 -13.98 9.26
C GLY B 103 -6.90 -14.44 7.85
N ARG B 104 -6.27 -13.56 7.06
CA ARG B 104 -5.95 -13.88 5.67
C ARG B 104 -4.71 -14.73 5.51
N GLY B 105 -3.86 -14.81 6.53
CA GLY B 105 -2.66 -15.64 6.43
C GLY B 105 -1.42 -14.94 5.91
N LEU B 106 -1.42 -13.61 5.80
CA LEU B 106 -0.20 -12.94 5.31
C LEU B 106 0.86 -12.97 6.39
N PRO B 107 2.13 -13.00 5.96
CA PRO B 107 3.23 -13.14 6.92
C PRO B 107 3.39 -11.91 7.81
N LEU B 108 3.32 -12.10 9.13
CA LEU B 108 3.44 -11.00 10.07
C LEU B 108 4.70 -10.17 9.89
N PRO B 109 5.85 -10.80 9.66
CA PRO B 109 7.08 -9.96 9.47
C PRO B 109 6.92 -8.98 8.32
N TRP B 110 6.35 -9.41 7.20
CA TRP B 110 6.15 -8.50 6.09
C TRP B 110 5.17 -7.41 6.47
N LEU B 111 4.07 -7.77 7.14
CA LEU B 111 3.13 -6.76 7.59
C LEU B 111 3.84 -5.69 8.42
N ARG B 112 4.72 -6.14 9.31
CA ARG B 112 5.45 -5.20 10.17
C ARG B 112 6.47 -4.37 9.42
N GLU B 113 7.12 -4.96 8.43
CA GLU B 113 8.07 -4.16 7.66
C GLU B 113 7.37 -3.08 6.86
N VAL B 114 6.26 -3.41 6.24
CA VAL B 114 5.47 -2.39 5.55
C VAL B 114 5.13 -1.28 6.54
N ALA B 115 4.63 -1.70 7.71
CA ALA B 115 4.14 -0.80 8.69
C ALA B 115 5.17 0.11 9.28
N ARG B 116 6.43 -0.35 9.35
CA ARG B 116 7.42 0.43 10.03
C ARG B 116 7.54 1.85 9.42
N GLU B 117 7.54 2.00 8.09
CA GLU B 117 7.57 3.35 7.41
C GLU B 117 6.18 4.03 7.43
N ALA B 118 5.16 3.14 7.25
CA ALA B 118 3.77 3.62 7.24
C ALA B 118 3.43 4.31 8.54
N THR B 119 3.83 3.72 9.67
CA THR B 119 3.49 4.28 10.94
C THR B 119 4.60 5.15 11.51
N ARG B 120 5.75 5.24 10.84
CA ARG B 120 6.95 5.86 11.45
C ARG B 120 7.28 5.29 12.84
N GLY B 121 6.90 4.05 13.08
CA GLY B 121 7.11 3.41 14.38
C GLY B 121 6.17 3.82 15.51
N LEU B 122 5.15 4.62 15.21
CA LEU B 122 4.25 5.12 16.25
C LEU B 122 3.36 3.99 16.78
N LYS B 123 3.44 3.75 18.10
CA LYS B 123 2.68 2.71 18.78
C LYS B 123 1.82 3.34 19.86
N PRO B 124 0.60 2.85 20.04
CA PRO B 124 -0.22 3.38 21.13
C PRO B 124 0.36 3.00 22.49
N ARG B 125 0.10 3.86 23.48
CA ARG B 125 0.48 3.56 24.86
C ARG B 125 -0.32 2.42 25.44
N LEU B 126 -1.62 2.43 25.13
CA LEU B 126 -2.54 1.37 25.53
C LEU B 126 -3.46 1.10 24.37
N THR B 127 -3.85 -0.16 24.26
CA THR B 127 -4.79 -0.68 23.26
C THR B 127 -5.83 -1.50 24.01
N PHE B 128 -7.08 -1.05 23.93
CA PHE B 128 -8.19 -1.75 24.58
C PHE B 128 -8.79 -2.71 23.58
N LEU B 129 -8.63 -3.99 23.85
CA LEU B 129 -9.17 -5.05 23.00
C LEU B 129 -10.46 -5.53 23.56
N LEU B 130 -11.55 -5.36 22.81
CA LEU B 130 -12.83 -5.89 23.21
CA LEU B 130 -12.87 -5.86 23.14
C LEU B 130 -12.95 -7.28 22.61
N ASP B 131 -12.76 -8.29 23.46
CA ASP B 131 -12.73 -9.68 23.03
C ASP B 131 -14.13 -10.23 22.93
N LEU B 132 -14.57 -10.50 21.72
CA LEU B 132 -15.92 -10.95 21.39
C LEU B 132 -15.85 -12.36 20.85
N PRO B 133 -16.74 -13.28 21.28
CA PRO B 133 -16.82 -14.57 20.62
C PRO B 133 -17.04 -14.43 19.11
N PRO B 134 -16.39 -15.29 18.31
CA PRO B 134 -16.32 -15.00 16.88
C PRO B 134 -17.69 -15.13 16.22
N GLU B 135 -18.58 -15.98 16.75
CA GLU B 135 -19.89 -16.14 16.15
C GLU B 135 -20.80 -14.94 16.36
N ALA B 136 -20.42 -14.05 17.28
CA ALA B 136 -21.18 -12.82 17.53
C ALA B 136 -20.75 -11.70 16.59
N ALA B 137 -19.68 -11.91 15.81
CA ALA B 137 -19.23 -10.88 14.89
C ALA B 137 -20.25 -10.61 13.82
N LEU B 147 -15.16 -6.09 2.71
CA LEU B 147 -14.25 -7.23 2.55
C LEU B 147 -15.02 -8.50 2.30
N GLU B 148 -14.38 -9.41 1.56
CA GLU B 148 -14.99 -10.68 1.18
C GLU B 148 -14.51 -11.80 2.10
N GLY B 149 -15.30 -12.86 2.22
CA GLY B 149 -14.87 -14.04 2.99
C GLY B 149 -14.83 -13.85 4.48
N LEU B 150 -15.62 -12.91 5.03
CA LEU B 150 -15.66 -12.74 6.48
C LEU B 150 -16.67 -13.72 7.10
N GLY B 151 -16.32 -15.00 7.02
CA GLY B 151 -17.15 -16.05 7.63
C GLY B 151 -16.64 -16.46 9.00
N LEU B 152 -17.25 -17.52 9.54
CA LEU B 152 -16.93 -17.94 10.89
CA LEU B 152 -16.93 -17.99 10.90
C LEU B 152 -15.49 -18.43 11.06
N GLU B 153 -14.98 -19.21 10.11
CA GLU B 153 -13.59 -19.68 10.20
C GLU B 153 -12.63 -18.52 10.27
N PHE B 154 -12.88 -17.53 9.42
CA PHE B 154 -12.07 -16.31 9.40
C PHE B 154 -12.15 -15.59 10.73
N PHE B 155 -13.36 -15.37 11.23
CA PHE B 155 -13.51 -14.65 12.49
C PHE B 155 -12.91 -15.36 13.67
N ARG B 156 -12.95 -16.70 13.67
CA ARG B 156 -12.25 -17.45 14.72
C ARG B 156 -10.74 -17.15 14.66
N ARG B 157 -10.17 -17.17 13.46
CA ARG B 157 -8.74 -16.89 13.32
C ARG B 157 -8.42 -15.48 13.81
N VAL B 158 -9.27 -14.51 13.45
CA VAL B 158 -9.04 -13.12 13.85
C VAL B 158 -9.16 -12.95 15.35
N ARG B 159 -10.20 -13.54 15.94
CA ARG B 159 -10.42 -13.43 17.36
C ARG B 159 -9.20 -13.98 18.13
N GLU B 160 -8.74 -15.16 17.74
CA GLU B 160 -7.60 -15.78 18.40
C GLU B 160 -6.32 -15.04 18.11
N GLY B 161 -6.25 -14.44 16.92
CA GLY B 161 -5.08 -13.63 16.58
C GLY B 161 -4.94 -12.41 17.44
N TYR B 162 -6.06 -11.72 17.68
CA TYR B 162 -6.05 -10.60 18.58
C TYR B 162 -5.56 -11.03 19.97
N LEU B 163 -6.06 -12.18 20.46
CA LEU B 163 -5.62 -12.66 21.78
C LEU B 163 -4.13 -12.99 21.83
N ALA B 164 -3.61 -13.50 20.71
CA ALA B 164 -2.16 -13.72 20.59
C ALA B 164 -1.38 -12.43 20.62
N LEU B 165 -1.85 -11.43 19.88
CA LEU B 165 -1.17 -10.14 19.91
C LEU B 165 -1.16 -9.58 21.34
N ALA B 166 -2.26 -9.74 22.06
CA ALA B 166 -2.35 -9.25 23.41
C ALA B 166 -1.40 -9.98 24.38
N ARG B 167 -1.27 -11.29 24.20
CA ARG B 167 -0.34 -12.05 25.02
C ARG B 167 1.11 -11.63 24.73
N ALA B 168 1.38 -11.25 23.48
CA ALA B 168 2.74 -10.89 23.07
C ALA B 168 3.17 -9.49 23.57
N GLU B 169 2.22 -8.59 23.76
CA GLU B 169 2.48 -7.25 24.26
C GLU B 169 1.54 -6.97 25.43
N PRO B 170 1.79 -7.62 26.58
CA PRO B 170 0.79 -7.62 27.65
C PRO B 170 0.78 -6.34 28.46
N GLY B 171 1.77 -5.47 28.24
CA GLY B 171 1.74 -4.13 28.84
C GLY B 171 0.87 -3.18 28.05
N ARG B 172 0.89 -3.31 26.73
CA ARG B 172 0.15 -2.43 25.86
C ARG B 172 -1.34 -2.77 25.78
N PHE B 173 -1.63 -4.07 25.65
CA PHE B 173 -3.00 -4.52 25.50
C PHE B 173 -3.67 -4.64 26.85
N VAL B 174 -4.92 -4.17 26.85
CA VAL B 174 -5.88 -4.43 27.93
C VAL B 174 -7.02 -5.21 27.32
N VAL B 175 -7.18 -6.47 27.72
CA VAL B 175 -8.22 -7.34 27.15
C VAL B 175 -9.44 -7.27 28.02
N LEU B 176 -10.56 -6.95 27.39
CA LEU B 176 -11.87 -6.79 28.05
C LEU B 176 -12.88 -7.71 27.43
N ASP B 177 -13.73 -8.26 28.29
CA ASP B 177 -14.81 -9.15 27.83
C ASP B 177 -15.90 -8.33 27.19
N ALA B 178 -16.03 -8.44 25.87
CA ALA B 178 -16.96 -7.62 25.11
C ALA B 178 -18.40 -7.94 25.42
N THR B 179 -18.66 -9.08 26.06
CA THR B 179 -20.03 -9.45 26.43
C THR B 179 -20.52 -8.76 27.70
N LEU B 180 -19.64 -8.09 28.43
CA LEU B 180 -20.06 -7.33 29.63
C LEU B 180 -20.92 -6.11 29.23
N PRO B 181 -21.76 -5.61 30.16
CA PRO B 181 -22.47 -4.37 29.94
C PRO B 181 -21.56 -3.22 29.53
N GLU B 182 -22.05 -2.38 28.62
CA GLU B 182 -21.23 -1.31 28.06
CA GLU B 182 -21.26 -1.30 28.06
C GLU B 182 -20.69 -0.40 29.16
N GLU B 183 -21.48 -0.13 30.19
CA GLU B 183 -21.03 0.79 31.22
C GLU B 183 -19.95 0.17 32.11
N GLU B 184 -19.97 -1.15 32.28
CA GLU B 184 -18.91 -1.82 33.03
CA GLU B 184 -18.91 -1.84 33.03
C GLU B 184 -17.60 -1.81 32.26
N ILE B 185 -17.68 -2.05 30.97
CA ILE B 185 -16.50 -1.95 30.09
C ILE B 185 -15.92 -0.54 30.15
N ALA B 186 -16.78 0.48 30.08
CA ALA B 186 -16.28 1.85 30.11
C ALA B 186 -15.58 2.15 31.42
N ARG B 187 -16.14 1.68 32.53
CA ARG B 187 -15.51 1.92 33.80
C ARG B 187 -14.14 1.25 33.87
N ALA B 188 -14.01 0.08 33.27
CA ALA B 188 -12.73 -0.65 33.26
C ALA B 188 -11.70 0.13 32.43
N ILE B 189 -12.10 0.65 31.28
CA ILE B 189 -11.21 1.46 30.45
C ILE B 189 -10.74 2.68 31.25
N GLN B 190 -11.69 3.35 31.88
CA GLN B 190 -11.39 4.55 32.67
C GLN B 190 -10.39 4.28 33.78
N ALA B 191 -10.56 3.15 34.43
CA ALA B 191 -9.66 2.77 35.53
C ALA B 191 -8.23 2.56 35.04
N HIS B 192 -8.07 1.91 33.90
CA HIS B 192 -6.74 1.74 33.33
C HIS B 192 -6.09 3.05 32.93
N LEU B 193 -6.90 4.05 32.60
CA LEU B 193 -6.36 5.34 32.18
C LEU B 193 -6.07 6.35 33.27
N ARG B 194 -6.72 6.22 34.41
CA ARG B 194 -6.54 7.21 35.47
C ARG B 194 -5.08 7.50 35.82
N PRO B 195 -4.21 6.46 35.94
CA PRO B 195 -2.80 6.76 36.25
C PRO B 195 -2.00 7.49 35.16
N LEU B 196 -2.46 7.42 33.92
CA LEU B 196 -1.88 8.17 32.81
C LEU B 196 -2.41 9.61 32.61
N LEU B 197 -3.58 9.90 33.16
CA LEU B 197 -4.37 11.11 32.92
C LEU B 197 -5.00 11.55 34.25
N PRO B 198 -4.20 12.21 35.11
CA PRO B 198 -4.68 12.56 36.44
C PRO B 198 -5.75 13.66 36.43
#